data_4Y25
#
_entry.id   4Y25
#
_cell.length_a   143.972
_cell.length_b   143.972
_cell.length_c   90.560
_cell.angle_alpha   90.00
_cell.angle_beta   90.00
_cell.angle_gamma   120.00
#
_symmetry.space_group_name_H-M   'P 63 2 2'
#
_entity_poly.entity_id   1
_entity_poly.type   'polypeptide(L)'
_entity_poly.pdbx_seq_one_letter_code
;AVDVHNLAELRIAGSTGIDAEGPDSGKHDVDLTTIVYSPPLKDNWRGFAGFGYADGQFSEGKGIVRDWLAGVEWRSRNIW
LEAEYAERVFNHEHKPGARLSGWYDFNDNWRIGSQLERLSHRVPLRAMKNGVTGNSAQAYVRWYQNERRKYGVSWAFTDF
SDSNQRHEVSLEGQERIWSSPYLIVDFLPSLYYEQNTEHDTPYYNPIKTFDIVPAFEASHLLWRSYENSWEQIFSAGVGA
SWQKHYGTDVVTQLGYGQRISWNDVIDAGATLRWEKRPYDGDREHNLYVEFDMTFRFRSLEHHHHHHHHHH
;
_entity_poly.pdbx_strand_id   A
#
# COMPACT_ATOMS: atom_id res chain seq x y z
N ASP A 3 -23.79 -14.25 16.26
CA ASP A 3 -22.83 -15.25 15.81
C ASP A 3 -22.45 -15.02 14.35
N VAL A 4 -23.35 -14.38 13.61
CA VAL A 4 -23.14 -14.04 12.20
C VAL A 4 -21.88 -13.20 12.04
N HIS A 5 -20.93 -13.67 11.25
CA HIS A 5 -19.66 -12.94 11.10
C HIS A 5 -19.10 -12.92 9.67
N ASN A 6 -19.74 -13.65 8.76
CA ASN A 6 -19.39 -13.54 7.33
C ASN A 6 -20.54 -12.97 6.52
N LEU A 7 -20.58 -11.65 6.43
CA LEU A 7 -21.66 -10.94 5.74
C LEU A 7 -21.09 -10.16 4.56
N ALA A 8 -21.87 -9.17 4.10
CA ALA A 8 -21.39 -8.24 3.10
C ALA A 8 -20.41 -7.26 3.74
N GLU A 9 -19.42 -6.80 2.99
CA GLU A 9 -18.39 -5.95 3.55
C GLU A 9 -18.18 -4.67 2.74
N LEU A 10 -18.20 -3.53 3.41
CA LEU A 10 -17.88 -2.26 2.78
C LEU A 10 -16.49 -1.79 3.21
N ARG A 11 -15.62 -1.56 2.24
CA ARG A 11 -14.30 -1.02 2.53
C ARG A 11 -14.18 0.36 1.91
N ILE A 12 -13.76 1.33 2.71
CA ILE A 12 -13.53 2.68 2.23
C ILE A 12 -12.20 3.18 2.79
N ALA A 13 -11.33 3.64 1.92
CA ALA A 13 -10.00 4.08 2.32
C ALA A 13 -9.62 5.33 1.55
N GLY A 14 -8.88 6.23 2.21
CA GLY A 14 -8.54 7.49 1.61
C GLY A 14 -7.21 8.05 2.02
N SER A 15 -6.63 8.86 1.13
CA SER A 15 -5.35 9.50 1.37
C SER A 15 -5.39 10.95 0.92
N THR A 16 -4.89 11.84 1.76
CA THR A 16 -4.87 13.26 1.42
C THR A 16 -3.62 13.96 1.96
N GLY A 17 -3.01 14.79 1.12
CA GLY A 17 -1.80 15.49 1.50
C GLY A 17 -2.04 16.82 2.20
N ILE A 18 -1.41 16.99 3.35
CA ILE A 18 -1.48 18.25 4.08
C ILE A 18 -0.51 19.24 3.45
N ASP A 19 0.74 18.80 3.30
CA ASP A 19 1.75 19.56 2.58
C ASP A 19 2.80 18.59 2.04
N ALA A 20 2.60 18.16 0.80
CA ALA A 20 3.52 17.21 0.17
C ALA A 20 4.34 17.90 -0.91
N GLU A 21 5.51 18.40 -0.53
CA GLU A 21 6.37 19.13 -1.46
C GLU A 21 7.27 18.19 -2.25
N GLY A 22 6.92 16.90 -2.24
CA GLY A 22 7.66 15.90 -2.99
C GLY A 22 7.47 16.03 -4.49
N PRO A 23 8.25 15.27 -5.27
CA PRO A 23 8.28 15.36 -6.74
C PRO A 23 7.12 14.67 -7.46
N ASP A 24 6.63 13.54 -6.96
CA ASP A 24 5.52 12.88 -7.65
C ASP A 24 4.20 13.02 -6.88
N SER A 25 4.01 14.19 -6.27
CA SER A 25 2.75 14.57 -5.66
C SER A 25 2.74 16.06 -5.35
N GLY A 26 1.63 16.73 -5.66
CA GLY A 26 1.47 18.13 -5.32
C GLY A 26 1.31 18.27 -3.81
N LYS A 27 1.31 19.50 -3.33
CA LYS A 27 1.19 19.76 -1.89
C LYS A 27 -0.08 19.13 -1.32
N HIS A 28 -1.16 19.19 -2.09
CA HIS A 28 -2.45 18.71 -1.64
C HIS A 28 -3.10 17.82 -2.69
N ASP A 29 -3.04 16.51 -2.47
CA ASP A 29 -3.69 15.56 -3.35
C ASP A 29 -4.75 14.77 -2.59
N VAL A 30 -5.70 14.22 -3.32
CA VAL A 30 -6.81 13.50 -2.71
C VAL A 30 -7.03 12.15 -3.37
N ASP A 31 -6.83 11.08 -2.59
CA ASP A 31 -7.08 9.72 -3.05
C ASP A 31 -8.21 9.10 -2.26
N LEU A 32 -9.24 8.63 -2.96
CA LEU A 32 -10.34 7.95 -2.29
C LEU A 32 -10.81 6.73 -3.05
N THR A 33 -10.86 5.60 -2.37
CA THR A 33 -11.38 4.37 -2.97
C THR A 33 -12.41 3.72 -2.06
N THR A 34 -13.56 3.37 -2.64
CA THR A 34 -14.61 2.68 -1.91
C THR A 34 -14.98 1.38 -2.62
N ILE A 35 -15.04 0.29 -1.86
CA ILE A 35 -15.32 -1.03 -2.43
C ILE A 35 -16.31 -1.80 -1.55
N VAL A 36 -17.31 -2.41 -2.17
CA VAL A 36 -18.26 -3.23 -1.44
C VAL A 36 -18.21 -4.70 -1.88
N TYR A 37 -18.04 -5.59 -0.91
CA TYR A 37 -18.06 -7.02 -1.16
C TYR A 37 -19.44 -7.60 -0.91
N SER A 38 -19.85 -8.55 -1.76
CA SER A 38 -21.09 -9.28 -1.55
C SER A 38 -20.90 -10.27 -0.40
N PRO A 39 -21.99 -10.87 0.11
CA PRO A 39 -21.81 -11.95 1.07
C PRO A 39 -21.11 -13.14 0.42
N PRO A 40 -20.65 -14.12 1.22
CA PRO A 40 -20.14 -15.32 0.58
C PRO A 40 -21.22 -15.94 -0.32
N LEU A 41 -21.17 -15.61 -1.60
CA LEU A 41 -22.16 -16.04 -2.59
C LEU A 41 -22.39 -17.54 -2.47
N LYS A 42 -21.29 -18.29 -2.46
CA LYS A 42 -21.27 -19.57 -1.77
C LYS A 42 -20.05 -19.52 -0.85
N ASP A 43 -19.66 -20.65 -0.29
CA ASP A 43 -18.71 -20.65 0.82
C ASP A 43 -17.35 -20.00 0.53
N ASN A 44 -16.93 -19.98 -0.73
CA ASN A 44 -15.63 -19.43 -1.08
C ASN A 44 -15.67 -18.22 -2.01
N TRP A 45 -16.78 -18.07 -2.73
CA TRP A 45 -16.88 -17.04 -3.76
C TRP A 45 -17.50 -15.73 -3.26
N ARG A 46 -16.87 -14.62 -3.59
CA ARG A 46 -17.44 -13.30 -3.34
C ARG A 46 -17.23 -12.41 -4.56
N GLY A 47 -18.25 -11.61 -4.87
CA GLY A 47 -18.14 -10.63 -5.93
C GLY A 47 -18.08 -9.24 -5.32
N PHE A 48 -17.33 -8.34 -5.95
CA PHE A 48 -17.22 -6.99 -5.44
C PHE A 48 -17.30 -5.95 -6.56
N ALA A 49 -17.82 -4.78 -6.21
CA ALA A 49 -17.79 -3.63 -7.08
C ALA A 49 -17.27 -2.44 -6.29
N GLY A 50 -16.69 -1.46 -6.98
CA GLY A 50 -16.07 -0.35 -6.29
C GLY A 50 -15.87 0.91 -7.11
N PHE A 51 -15.25 1.90 -6.48
CA PHE A 51 -15.05 3.21 -7.09
C PHE A 51 -13.72 3.80 -6.63
N GLY A 52 -13.06 4.53 -7.52
CA GLY A 52 -11.78 5.16 -7.20
C GLY A 52 -11.75 6.60 -7.66
N TYR A 53 -11.18 7.48 -6.84
CA TYR A 53 -11.19 8.92 -7.10
C TYR A 53 -9.82 9.54 -6.84
N ALA A 54 -9.37 10.41 -7.75
CA ALA A 54 -8.08 11.08 -7.58
C ALA A 54 -8.01 12.42 -8.30
N ASP A 55 -8.04 13.51 -7.53
CA ASP A 55 -7.93 14.86 -8.06
C ASP A 55 -6.70 15.56 -7.52
N GLY A 56 -6.02 16.33 -8.37
CA GLY A 56 -4.84 17.06 -7.98
C GLY A 56 -4.52 18.23 -8.88
N GLY A 63 -8.73 18.35 -13.96
CA GLY A 63 -7.84 17.20 -14.07
C GLY A 63 -8.16 16.14 -13.04
N ILE A 64 -9.28 15.45 -13.24
CA ILE A 64 -9.77 14.47 -12.27
C ILE A 64 -9.82 13.06 -12.88
N VAL A 65 -9.31 12.08 -12.11
CA VAL A 65 -9.29 10.68 -12.54
C VAL A 65 -10.22 9.82 -11.68
N ARG A 66 -11.15 9.12 -12.32
CA ARG A 66 -12.08 8.24 -11.62
C ARG A 66 -11.98 6.80 -12.11
N ASP A 67 -12.26 5.86 -11.20
CA ASP A 67 -12.25 4.43 -11.54
C ASP A 67 -13.58 3.77 -11.19
N TRP A 68 -14.11 2.99 -12.15
CA TRP A 68 -15.21 2.09 -11.85
C TRP A 68 -14.71 0.67 -12.03
N LEU A 69 -14.84 -0.14 -10.98
CA LEU A 69 -14.26 -1.48 -11.02
C LEU A 69 -15.23 -2.55 -10.52
N ALA A 70 -14.97 -3.78 -10.96
CA ALA A 70 -15.75 -4.93 -10.56
C ALA A 70 -14.89 -6.18 -10.71
N GLY A 71 -15.04 -7.13 -9.79
CA GLY A 71 -14.26 -8.35 -9.85
C GLY A 71 -14.79 -9.43 -8.93
N VAL A 72 -14.14 -10.59 -8.95
CA VAL A 72 -14.54 -11.71 -8.11
C VAL A 72 -13.39 -12.14 -7.22
N GLU A 73 -13.72 -12.72 -6.06
CA GLU A 73 -12.71 -13.23 -5.14
C GLU A 73 -13.01 -14.65 -4.71
N TRP A 74 -12.03 -15.53 -4.84
CA TRP A 74 -12.15 -16.89 -4.32
C TRP A 74 -11.25 -17.03 -3.10
N ARG A 75 -11.70 -17.79 -2.11
CA ARG A 75 -11.03 -17.83 -0.82
C ARG A 75 -11.26 -19.14 -0.07
N SER A 76 -10.19 -19.93 0.00
CA SER A 76 -10.02 -20.95 1.02
C SER A 76 -8.79 -20.55 1.81
N ARG A 77 -8.52 -21.19 2.94
CA ARG A 77 -7.24 -20.95 3.58
C ARG A 77 -6.20 -21.71 2.76
N ASN A 78 -4.93 -21.37 2.98
CA ASN A 78 -3.80 -21.87 2.19
C ASN A 78 -3.75 -21.30 0.76
N ILE A 79 -4.83 -20.64 0.33
CA ILE A 79 -4.86 -20.03 -1.01
C ILE A 79 -5.98 -19.00 -1.19
N TRP A 80 -5.61 -17.79 -1.60
CA TRP A 80 -6.56 -16.72 -1.85
C TRP A 80 -6.35 -16.13 -3.24
N LEU A 81 -7.43 -15.86 -3.96
CA LEU A 81 -7.32 -15.42 -5.36
C LEU A 81 -8.43 -14.46 -5.78
N GLU A 82 -8.07 -13.39 -6.48
CA GLU A 82 -9.09 -12.51 -7.05
C GLU A 82 -8.68 -11.95 -8.41
N ALA A 83 -9.68 -11.72 -9.24
CA ALA A 83 -9.51 -11.02 -10.51
C ALA A 83 -10.38 -9.78 -10.48
N GLU A 84 -10.00 -8.77 -11.26
CA GLU A 84 -10.70 -7.49 -11.23
C GLU A 84 -10.51 -6.72 -12.52
N TYR A 85 -11.61 -6.23 -13.10
CA TYR A 85 -11.52 -5.34 -14.26
C TYR A 85 -12.07 -3.98 -13.88
N ALA A 86 -11.44 -2.93 -14.39
CA ALA A 86 -11.87 -1.56 -14.11
C ALA A 86 -11.89 -0.71 -15.38
N GLU A 87 -12.63 0.38 -15.33
CA GLU A 87 -12.61 1.38 -16.40
C GLU A 87 -12.13 2.71 -15.85
N ARG A 88 -11.11 3.29 -16.48
CA ARG A 88 -10.54 4.54 -16.00
C ARG A 88 -10.81 5.68 -16.99
N VAL A 89 -11.28 6.80 -16.47
CA VAL A 89 -11.63 7.94 -17.31
C VAL A 89 -10.76 9.13 -16.99
N PHE A 90 -10.35 9.85 -18.02
CA PHE A 90 -9.67 11.12 -17.84
C PHE A 90 -9.80 12.06 -19.04
N ASN A 91 -10.37 13.24 -18.81
CA ASN A 91 -10.54 14.26 -19.85
C ASN A 91 -11.24 13.70 -21.08
N HIS A 92 -12.43 13.14 -20.88
CA HIS A 92 -13.21 12.53 -21.94
C HIS A 92 -12.43 11.46 -22.70
N GLU A 93 -11.64 10.68 -21.97
CA GLU A 93 -10.84 9.62 -22.58
C GLU A 93 -10.86 8.35 -21.72
N HIS A 94 -11.47 7.29 -22.25
CA HIS A 94 -11.59 6.03 -21.53
C HIS A 94 -10.46 5.08 -21.87
N LYS A 95 -9.90 4.44 -20.85
CA LYS A 95 -8.90 3.40 -21.04
C LYS A 95 -9.15 2.25 -20.08
N PRO A 96 -8.97 1.02 -20.57
CA PRO A 96 -9.28 -0.22 -19.84
C PRO A 96 -8.27 -0.60 -18.77
N GLY A 97 -8.70 -1.39 -17.80
CA GLY A 97 -7.83 -1.82 -16.72
C GLY A 97 -8.26 -3.12 -16.06
N ALA A 98 -7.28 -3.95 -15.69
CA ALA A 98 -7.56 -5.24 -15.05
C ALA A 98 -6.49 -5.63 -14.04
N ARG A 99 -6.89 -6.39 -13.02
CA ARG A 99 -5.94 -6.86 -12.03
C ARG A 99 -6.14 -8.35 -11.70
N LEU A 100 -5.04 -9.08 -11.63
CA LEU A 100 -5.06 -10.47 -11.21
C LEU A 100 -4.04 -10.67 -10.10
N SER A 101 -4.48 -11.23 -8.97
CA SER A 101 -3.59 -11.39 -7.83
C SER A 101 -3.99 -12.57 -6.96
N GLY A 102 -3.03 -13.04 -6.16
CA GLY A 102 -3.29 -14.13 -5.24
C GLY A 102 -2.09 -14.49 -4.40
N TRP A 103 -2.34 -15.21 -3.31
CA TRP A 103 -1.26 -15.83 -2.55
C TRP A 103 -1.67 -17.23 -2.18
N TYR A 104 -0.67 -18.09 -2.01
CA TYR A 104 -0.88 -19.43 -1.48
C TYR A 104 0.13 -19.66 -0.39
N ASP A 105 -0.17 -20.61 0.48
CA ASP A 105 0.76 -20.89 1.57
C ASP A 105 1.32 -22.30 1.39
N PHE A 106 2.62 -22.35 1.09
CA PHE A 106 3.41 -23.58 1.00
C PHE A 106 3.37 -24.31 2.36
N ASN A 107 4.46 -24.27 3.13
CA ASN A 107 4.38 -24.66 4.53
C ASN A 107 3.83 -23.47 5.27
N ASP A 108 3.19 -23.68 6.42
CA ASP A 108 2.49 -22.59 7.09
C ASP A 108 3.47 -21.57 7.71
N ASN A 109 4.75 -21.67 7.33
CA ASN A 109 5.73 -20.64 7.62
C ASN A 109 6.07 -19.80 6.38
N TRP A 110 5.82 -20.38 5.20
CA TRP A 110 6.14 -19.70 3.93
C TRP A 110 4.89 -19.42 3.09
N ARG A 111 4.84 -18.22 2.52
CA ARG A 111 3.76 -17.83 1.62
C ARG A 111 4.30 -17.12 0.39
N ILE A 112 3.78 -17.46 -0.77
CA ILE A 112 4.18 -16.81 -2.01
C ILE A 112 2.99 -16.08 -2.62
N GLY A 113 3.22 -14.84 -3.05
CA GLY A 113 2.17 -14.02 -3.63
C GLY A 113 2.51 -13.52 -5.01
N SER A 114 1.49 -13.39 -5.86
CA SER A 114 1.66 -12.94 -7.23
C SER A 114 0.64 -11.85 -7.53
N GLN A 115 0.96 -10.96 -8.49
CA GLN A 115 0.04 -9.88 -8.82
C GLN A 115 0.30 -9.25 -10.19
N LEU A 116 -0.69 -9.36 -11.06
CA LEU A 116 -0.66 -8.74 -12.39
C LEU A 116 -1.62 -7.55 -12.46
N GLU A 117 -1.17 -6.46 -13.07
CA GLU A 117 -2.04 -5.29 -13.18
C GLU A 117 -1.94 -4.55 -14.52
N ARG A 118 -3.10 -4.13 -15.00
CA ARG A 118 -3.23 -3.09 -16.02
C ARG A 118 -4.44 -2.25 -15.62
N LEU A 119 -4.33 -0.93 -15.59
CA LEU A 119 -3.06 -0.24 -15.57
C LEU A 119 -2.51 -0.34 -14.15
N SER A 120 -1.20 -0.18 -13.99
CA SER A 120 -0.58 -0.36 -12.69
C SER A 120 -0.58 0.93 -11.87
N HIS A 121 -0.73 0.78 -10.55
CA HIS A 121 -0.65 1.91 -9.64
C HIS A 121 0.82 2.19 -9.31
N ARG A 122 1.68 1.26 -9.70
CA ARG A 122 3.13 1.41 -9.50
C ARG A 122 3.67 2.49 -10.42
N VAL A 123 2.85 2.89 -11.39
CA VAL A 123 3.09 4.12 -12.14
C VAL A 123 2.60 5.31 -11.31
N PRO A 124 3.46 6.30 -11.08
CA PRO A 124 3.08 7.51 -10.34
C PRO A 124 1.78 8.08 -10.91
N LEU A 125 0.74 8.22 -10.08
CA LEU A 125 -0.64 8.28 -10.59
C LEU A 125 -1.01 9.38 -11.57
N ARG A 126 -0.12 10.32 -11.85
CA ARG A 126 -0.31 11.12 -13.05
C ARG A 126 1.02 11.47 -13.70
N ALA A 127 1.68 10.43 -14.17
CA ALA A 127 2.62 10.52 -15.27
C ALA A 127 1.76 10.54 -16.52
N MET A 128 0.46 10.28 -16.30
CA MET A 128 -0.52 10.23 -17.38
C MET A 128 -0.91 11.63 -17.85
N LYS A 129 -0.27 12.66 -17.29
CA LYS A 129 -0.51 14.04 -17.72
C LYS A 129 -0.14 14.16 -19.19
N ASN A 130 0.74 13.26 -19.60
CA ASN A 130 1.17 13.11 -20.97
C ASN A 130 0.68 11.75 -21.47
N GLY A 131 -0.20 11.15 -20.68
CA GLY A 131 -0.80 9.87 -20.99
C GLY A 131 0.11 8.67 -20.85
N VAL A 132 0.89 8.61 -19.76
CA VAL A 132 1.78 7.47 -19.55
C VAL A 132 1.05 6.27 -18.97
N THR A 133 0.96 5.22 -19.78
CA THR A 133 0.29 3.99 -19.42
C THR A 133 1.31 2.98 -18.87
N GLY A 134 0.90 2.15 -17.92
CA GLY A 134 1.80 1.15 -17.37
C GLY A 134 1.15 -0.17 -17.01
N ASN A 135 1.85 -1.25 -17.31
CA ASN A 135 1.44 -2.60 -16.89
C ASN A 135 2.57 -3.24 -16.09
N SER A 136 2.21 -4.04 -15.09
CA SER A 136 3.23 -4.54 -14.16
C SER A 136 3.04 -5.98 -13.73
N ALA A 137 4.04 -6.49 -13.00
CA ALA A 137 3.98 -7.82 -12.42
C ALA A 137 4.68 -7.82 -11.06
N GLN A 138 3.93 -8.15 -10.01
CA GLN A 138 4.50 -8.20 -8.66
C GLN A 138 4.65 -9.64 -8.19
N ALA A 139 5.65 -9.88 -7.35
CA ALA A 139 5.79 -11.15 -6.65
C ALA A 139 6.40 -10.93 -5.28
N TYR A 140 6.02 -11.75 -4.30
CA TYR A 140 6.63 -11.65 -2.98
C TYR A 140 6.69 -12.99 -2.25
N VAL A 141 7.60 -13.08 -1.29
CA VAL A 141 7.77 -14.27 -0.46
C VAL A 141 7.88 -13.84 1.01
N ARG A 142 7.09 -14.47 1.87
CA ARG A 142 7.04 -14.14 3.28
C ARG A 142 7.35 -15.37 4.15
N TRP A 143 8.23 -15.19 5.13
CA TRP A 143 8.72 -16.30 5.93
C TRP A 143 8.67 -16.03 7.43
N TYR A 144 8.01 -16.93 8.17
CA TYR A 144 7.81 -16.76 9.61
C TYR A 144 8.65 -17.73 10.43
N GLN A 145 9.82 -17.26 10.85
CA GLN A 145 10.86 -18.10 11.45
C GLN A 145 10.55 -18.50 12.89
N ASN A 146 10.07 -17.54 13.69
CA ASN A 146 9.61 -17.85 15.05
C ASN A 146 8.10 -17.69 15.13
N GLU A 147 7.62 -17.17 16.26
CA GLU A 147 6.28 -16.62 16.32
C GLU A 147 6.45 -15.12 16.57
N ARG A 148 7.70 -14.71 16.70
CA ARG A 148 8.01 -13.31 17.00
C ARG A 148 8.99 -12.80 15.96
N ARG A 149 8.84 -13.29 14.73
CA ARG A 149 9.85 -13.02 13.72
C ARG A 149 9.56 -13.34 12.27
N LYS A 150 9.66 -12.31 11.45
CA LYS A 150 9.00 -12.32 10.17
C LYS A 150 9.76 -11.51 9.10
N TYR A 151 10.03 -12.13 7.95
CA TYR A 151 10.81 -11.48 6.88
C TYR A 151 10.07 -11.53 5.54
N GLY A 152 10.17 -10.45 4.79
CA GLY A 152 9.40 -10.33 3.55
C GLY A 152 10.20 -9.85 2.36
N VAL A 153 10.34 -10.71 1.37
CA VAL A 153 11.01 -10.35 0.13
C VAL A 153 9.98 -10.03 -0.95
N SER A 154 10.18 -8.93 -1.65
CA SER A 154 9.24 -8.51 -2.68
C SER A 154 9.95 -7.80 -3.81
N TRP A 155 9.39 -7.90 -5.01
CA TRP A 155 9.93 -7.21 -6.17
C TRP A 155 8.84 -7.02 -7.22
N ALA A 156 9.04 -6.03 -8.09
CA ALA A 156 8.06 -5.72 -9.11
C ALA A 156 8.72 -5.13 -10.34
N PHE A 157 8.23 -5.54 -11.51
CA PHE A 157 8.69 -5.00 -12.78
C PHE A 157 7.54 -4.22 -13.42
N THR A 158 7.84 -3.05 -13.99
CA THR A 158 6.80 -2.20 -14.56
C THR A 158 7.20 -1.64 -15.91
N ASP A 159 6.36 -1.85 -16.93
CA ASP A 159 6.61 -1.34 -18.27
C ASP A 159 5.74 -0.12 -18.56
N PHE A 160 6.39 1.03 -18.77
CA PHE A 160 5.68 2.29 -19.04
C PHE A 160 5.44 2.43 -20.53
N SER A 161 4.46 3.26 -20.90
CA SER A 161 4.13 3.46 -22.31
C SER A 161 5.09 4.44 -22.98
N ASP A 162 6.18 4.76 -22.30
CA ASP A 162 7.22 5.62 -22.87
C ASP A 162 8.58 4.92 -22.83
N SER A 163 8.55 3.60 -23.03
CA SER A 163 9.74 2.75 -23.12
C SER A 163 10.47 2.54 -21.79
N ASN A 164 10.08 3.27 -20.75
CA ASN A 164 10.73 3.13 -19.45
C ASN A 164 10.28 1.87 -18.73
N GLN A 165 11.23 1.10 -18.23
CA GLN A 165 10.90 -0.04 -17.39
C GLN A 165 11.50 0.10 -16.00
N ARG A 166 10.62 -0.01 -15.01
CA ARG A 166 11.01 0.13 -13.61
C ARG A 166 11.03 -1.22 -12.91
N HIS A 167 12.19 -1.60 -12.40
CA HIS A 167 12.31 -2.81 -11.60
C HIS A 167 12.52 -2.43 -10.14
N GLU A 168 11.49 -2.66 -9.33
CA GLU A 168 11.57 -2.35 -7.90
C GLU A 168 11.79 -3.63 -7.10
N VAL A 169 12.57 -3.52 -6.02
CA VAL A 169 12.77 -4.63 -5.10
C VAL A 169 12.71 -4.12 -3.66
N SER A 170 12.02 -4.86 -2.79
CA SER A 170 11.95 -4.48 -1.38
C SER A 170 12.22 -5.68 -0.48
N LEU A 171 12.77 -5.42 0.69
CA LEU A 171 13.02 -6.46 1.68
C LEU A 171 12.69 -5.94 3.07
N GLU A 172 11.65 -6.51 3.68
CA GLU A 172 11.21 -6.05 4.99
C GLU A 172 11.44 -7.10 6.06
N GLY A 173 11.45 -6.66 7.31
CA GLY A 173 11.54 -7.55 8.45
C GLY A 173 10.58 -7.08 9.53
N GLN A 174 10.14 -8.01 10.38
CA GLN A 174 9.28 -7.67 11.50
C GLN A 174 9.68 -8.47 12.72
N GLU A 175 10.43 -7.83 13.62
CA GLU A 175 10.89 -8.49 14.82
C GLU A 175 10.20 -7.92 16.07
N ARG A 176 9.58 -8.81 16.83
CA ARG A 176 8.85 -8.42 18.05
C ARG A 176 9.81 -8.22 19.21
N ILE A 177 9.92 -6.98 19.69
CA ILE A 177 10.88 -6.62 20.72
C ILE A 177 10.27 -6.76 22.10
N TRP A 178 8.98 -6.49 22.20
CA TRP A 178 8.29 -6.46 23.48
C TRP A 178 6.80 -6.69 23.29
N SER A 179 6.25 -7.68 23.97
CA SER A 179 4.83 -8.00 23.85
C SER A 179 4.12 -8.03 25.20
N SER A 180 3.44 -6.94 25.52
CA SER A 180 2.74 -6.80 26.80
C SER A 180 1.24 -6.90 26.59
N PRO A 181 0.49 -7.16 27.68
CA PRO A 181 -0.97 -7.06 27.69
C PRO A 181 -1.49 -5.73 27.14
N TYR A 182 -0.68 -4.68 27.18
CA TYR A 182 -1.13 -3.35 26.80
C TYR A 182 -0.26 -2.70 25.71
N LEU A 183 0.97 -3.19 25.54
CA LEU A 183 1.92 -2.57 24.64
C LEU A 183 2.76 -3.57 23.85
N ILE A 184 2.79 -3.44 22.53
CA ILE A 184 3.72 -4.22 21.73
C ILE A 184 4.64 -3.30 20.92
N VAL A 185 5.89 -3.73 20.77
CA VAL A 185 6.88 -2.96 20.04
C VAL A 185 7.56 -3.81 18.98
N ASP A 186 7.39 -3.42 17.72
CA ASP A 186 8.00 -4.16 16.62
C ASP A 186 9.19 -3.40 16.04
N PHE A 187 10.20 -4.15 15.64
CA PHE A 187 11.29 -3.58 14.85
C PHE A 187 11.05 -3.91 13.39
N LEU A 188 10.89 -2.88 12.57
CA LEU A 188 10.60 -3.07 11.15
C LEU A 188 11.65 -2.43 10.26
N PRO A 189 12.78 -3.12 10.06
CA PRO A 189 13.83 -2.63 9.16
C PRO A 189 13.44 -2.84 7.71
N SER A 190 13.55 -1.80 6.89
CA SER A 190 13.14 -1.90 5.50
C SER A 190 14.28 -1.57 4.54
N LEU A 191 14.36 -2.34 3.46
CA LEU A 191 15.27 -2.06 2.36
C LEU A 191 14.49 -1.90 1.06
N TYR A 192 14.98 -1.05 0.17
CA TYR A 192 14.27 -0.79 -1.07
C TYR A 192 15.24 -0.46 -2.21
N TYR A 193 14.95 -0.98 -3.39
CA TYR A 193 15.76 -0.76 -4.58
C TYR A 193 14.86 -0.44 -5.77
N GLU A 194 15.22 0.60 -6.51
CA GLU A 194 14.45 1.00 -7.70
C GLU A 194 15.39 1.40 -8.83
N GLN A 195 15.16 0.84 -10.02
CA GLN A 195 15.94 1.16 -11.19
C GLN A 195 15.05 1.47 -12.39
N ASN A 196 15.35 2.54 -13.10
CA ASN A 196 14.59 2.93 -14.29
C ASN A 196 15.49 3.04 -15.51
N THR A 197 14.93 3.47 -16.63
CA THR A 197 15.70 3.53 -17.87
C THR A 197 15.60 4.86 -18.60
N GLU A 198 14.39 5.38 -18.78
CA GLU A 198 14.21 6.65 -19.49
C GLU A 198 14.81 7.80 -18.68
N HIS A 199 15.63 8.63 -19.34
CA HIS A 199 16.49 9.58 -18.62
C HIS A 199 15.96 11.00 -18.55
N ASP A 200 15.31 11.47 -19.61
CA ASP A 200 14.67 12.77 -19.57
C ASP A 200 13.16 12.60 -19.49
N THR A 201 12.63 12.69 -18.28
CA THR A 201 11.23 12.39 -18.01
C THR A 201 10.50 13.53 -17.30
N PRO A 202 9.21 13.70 -17.60
CA PRO A 202 8.35 14.69 -16.95
C PRO A 202 7.75 14.18 -15.62
N TYR A 203 8.23 13.05 -15.15
CA TYR A 203 7.82 12.51 -13.84
C TYR A 203 9.06 12.03 -13.11
N TYR A 204 8.98 11.88 -11.79
CA TYR A 204 10.14 11.48 -11.02
C TYR A 204 10.54 10.06 -11.36
N ASN A 205 11.59 9.94 -12.18
CA ASN A 205 12.07 8.65 -12.64
C ASN A 205 13.55 8.44 -12.29
N PRO A 206 13.85 8.25 -11.00
CA PRO A 206 15.23 8.07 -10.56
C PRO A 206 15.87 6.82 -11.17
N ILE A 207 17.09 6.95 -11.65
CA ILE A 207 17.76 5.90 -12.40
C ILE A 207 18.13 4.70 -11.52
N LYS A 208 18.69 4.98 -10.35
CA LYS A 208 19.07 3.91 -9.43
C LYS A 208 19.08 4.42 -7.98
N THR A 209 18.06 4.00 -7.23
CA THR A 209 17.91 4.44 -5.84
C THR A 209 17.98 3.25 -4.89
N PHE A 210 18.61 3.46 -3.74
CA PHE A 210 18.69 2.43 -2.72
C PHE A 210 18.57 3.04 -1.33
N ASP A 211 17.67 2.49 -0.52
CA ASP A 211 17.41 3.03 0.81
C ASP A 211 17.57 1.97 1.89
N ILE A 212 18.15 2.38 3.02
CA ILE A 212 18.16 1.55 4.21
C ILE A 212 17.51 2.33 5.34
N VAL A 213 16.33 1.90 5.75
CA VAL A 213 15.60 2.60 6.82
C VAL A 213 15.21 1.66 7.95
N PRO A 214 16.01 1.66 9.03
CA PRO A 214 15.59 0.94 10.24
C PRO A 214 14.52 1.72 10.97
N ALA A 215 13.43 1.04 11.34
CA ALA A 215 12.30 1.70 11.97
C ALA A 215 11.65 0.81 13.00
N PHE A 216 10.95 1.42 13.95
CA PHE A 216 10.18 0.65 14.92
C PHE A 216 8.74 1.13 14.93
N GLU A 217 7.85 0.27 15.42
CA GLU A 217 6.45 0.63 15.58
C GLU A 217 5.99 0.17 16.95
N ALA A 218 5.19 1.00 17.61
CA ALA A 218 4.68 0.66 18.94
C ALA A 218 3.17 0.82 19.01
N SER A 219 2.48 -0.29 19.27
CA SER A 219 1.03 -0.26 19.43
C SER A 219 0.66 -0.22 20.91
N HIS A 220 0.08 0.89 21.34
CA HIS A 220 -0.36 1.02 22.73
C HIS A 220 -1.87 0.91 22.82
N LEU A 221 -2.35 0.20 23.83
CA LEU A 221 -3.77 -0.04 24.00
C LEU A 221 -4.41 0.97 24.95
N LEU A 222 -5.36 1.74 24.42
CA LEU A 222 -6.02 2.80 25.19
C LEU A 222 -7.16 2.24 26.04
N TRP A 223 -7.93 1.33 25.44
CA TRP A 223 -9.07 0.73 26.13
C TRP A 223 -9.55 -0.53 25.41
N ARG A 224 -10.06 -1.48 26.19
CA ARG A 224 -10.62 -2.70 25.62
C ARG A 224 -11.62 -3.32 26.58
N SER A 225 -12.70 -3.82 26.00
CA SER A 225 -13.62 -4.68 26.72
C SER A 225 -13.95 -5.85 25.82
N TYR A 226 -13.35 -7.00 26.12
CA TYR A 226 -13.70 -8.22 25.43
C TYR A 226 -13.38 -8.15 23.92
N GLU A 227 -14.38 -8.15 23.04
CA GLU A 227 -14.11 -8.20 21.59
C GLU A 227 -14.08 -6.86 20.83
N ASN A 228 -14.10 -5.73 21.53
CA ASN A 228 -13.95 -4.44 20.87
C ASN A 228 -12.95 -3.55 21.62
N SER A 229 -12.12 -2.81 20.86
CA SER A 229 -10.98 -2.13 21.46
C SER A 229 -10.61 -0.81 20.78
N TRP A 230 -9.60 -0.15 21.35
CA TRP A 230 -9.12 1.14 20.87
C TRP A 230 -7.63 1.29 21.14
N GLU A 231 -6.83 1.42 20.09
CA GLU A 231 -5.38 1.52 20.25
C GLU A 231 -4.78 2.72 19.52
N GLN A 232 -3.62 3.17 19.97
CA GLN A 232 -2.87 4.20 19.27
C GLN A 232 -1.56 3.62 18.72
N ILE A 233 -1.19 4.10 17.54
CA ILE A 233 0.00 3.59 16.87
C ILE A 233 1.05 4.68 16.70
N PHE A 234 2.22 4.47 17.27
CA PHE A 234 3.34 5.37 17.04
C PHE A 234 4.45 4.64 16.30
N SER A 235 4.95 5.25 15.24
CA SER A 235 6.04 4.66 14.46
C SER A 235 7.07 5.72 14.09
N ALA A 236 8.34 5.32 14.09
CA ALA A 236 9.43 6.24 13.79
C ALA A 236 10.58 5.52 13.08
N GLY A 237 11.22 6.21 12.15
CA GLY A 237 12.31 5.64 11.39
C GLY A 237 13.35 6.67 11.00
N VAL A 238 14.62 6.27 11.11
CA VAL A 238 15.73 7.09 10.65
C VAL A 238 16.65 6.24 9.80
N GLY A 239 16.87 6.67 8.56
CA GLY A 239 17.69 5.91 7.64
C GLY A 239 18.43 6.76 6.62
N ALA A 240 19.00 6.10 5.61
CA ALA A 240 19.73 6.80 4.57
C ALA A 240 19.23 6.42 3.18
N SER A 241 19.25 7.39 2.27
CA SER A 241 18.83 7.15 0.89
C SER A 241 19.94 7.49 -0.09
N TRP A 242 20.29 6.53 -0.94
CA TRP A 242 21.29 6.76 -1.97
C TRP A 242 20.67 6.85 -3.36
N GLN A 243 21.13 7.82 -4.14
CA GLN A 243 20.70 7.99 -5.51
C GLN A 243 21.91 8.33 -6.39
N LYS A 244 22.13 7.54 -7.43
CA LYS A 244 23.28 7.72 -8.31
C LYS A 244 23.21 9.09 -8.98
N HIS A 245 24.37 9.73 -9.14
CA HIS A 245 24.52 11.12 -9.60
C HIS A 245 24.09 12.12 -8.53
N TYR A 246 23.78 11.65 -7.32
CA TYR A 246 23.35 12.55 -6.26
C TYR A 246 23.86 12.16 -4.88
N GLY A 247 24.42 10.97 -4.76
CA GLY A 247 25.00 10.54 -3.50
C GLY A 247 23.99 10.07 -2.48
N THR A 248 24.17 10.51 -1.24
CA THR A 248 23.36 10.02 -0.13
C THR A 248 22.99 11.13 0.86
N ASP A 249 21.75 11.13 1.32
CA ASP A 249 21.36 11.94 2.45
C ASP A 249 20.49 11.12 3.39
N VAL A 250 19.97 11.76 4.44
CA VAL A 250 19.29 11.05 5.52
C VAL A 250 17.78 10.91 5.24
N VAL A 251 17.21 9.80 5.71
CA VAL A 251 15.78 9.59 5.64
C VAL A 251 15.18 9.55 7.04
N THR A 252 14.15 10.34 7.27
CA THR A 252 13.46 10.33 8.56
C THR A 252 11.96 10.21 8.34
N GLN A 253 11.30 9.43 9.19
CA GLN A 253 9.86 9.24 9.05
C GLN A 253 9.16 9.05 10.39
N LEU A 254 7.99 9.67 10.51
CA LEU A 254 7.19 9.59 11.72
C LEU A 254 5.74 9.33 11.38
N GLY A 255 5.07 8.56 12.23
CA GLY A 255 3.66 8.30 12.05
C GLY A 255 2.95 8.24 13.38
N TYR A 256 1.74 8.77 13.41
CA TYR A 256 0.85 8.60 14.57
C TYR A 256 -0.56 8.30 14.11
N GLY A 257 -1.16 7.28 14.70
CA GLY A 257 -2.49 6.86 14.31
C GLY A 257 -3.25 6.17 15.41
N GLN A 258 -4.54 5.93 15.17
CA GLN A 258 -5.37 5.21 16.12
C GLN A 258 -6.29 4.22 15.42
N ARG A 259 -6.62 3.14 16.13
CA ARG A 259 -7.49 2.10 15.61
C ARG A 259 -8.70 1.87 16.50
N ILE A 260 -9.85 1.66 15.88
CA ILE A 260 -11.07 1.27 16.60
C ILE A 260 -11.63 -0.02 16.01
N SER A 261 -11.88 -0.99 16.88
CA SER A 261 -12.54 -2.22 16.47
C SER A 261 -13.80 -2.39 17.30
N TRP A 262 -14.94 -2.62 16.63
CA TRP A 262 -16.21 -2.69 17.33
C TRP A 262 -17.10 -3.84 16.88
N ASN A 263 -17.27 -4.83 17.75
CA ASN A 263 -18.16 -5.97 17.52
C ASN A 263 -17.87 -6.77 16.26
N ASP A 264 -16.62 -6.71 15.79
CA ASP A 264 -16.20 -7.38 14.56
C ASP A 264 -17.04 -6.94 13.36
N VAL A 265 -17.63 -5.76 13.47
CA VAL A 265 -18.51 -5.22 12.44
C VAL A 265 -18.01 -3.83 12.03
N ILE A 266 -17.31 -3.16 12.95
CA ILE A 266 -16.71 -1.87 12.67
C ILE A 266 -15.20 -1.93 12.83
N ASP A 267 -14.47 -1.54 11.79
CA ASP A 267 -13.04 -1.30 11.92
C ASP A 267 -12.65 0.00 11.25
N ALA A 268 -12.00 0.88 11.99
CA ALA A 268 -11.60 2.19 11.48
C ALA A 268 -10.24 2.59 12.00
N GLY A 269 -9.51 3.35 11.19
CA GLY A 269 -8.19 3.81 11.58
C GLY A 269 -7.79 5.03 10.77
N ALA A 270 -7.05 5.94 11.40
CA ALA A 270 -6.55 7.12 10.72
C ALA A 270 -5.13 7.40 11.17
N THR A 271 -4.25 7.66 10.22
CA THR A 271 -2.84 7.89 10.53
C THR A 271 -2.33 9.19 9.94
N LEU A 272 -1.61 9.96 10.76
CA LEU A 272 -0.92 11.15 10.28
C LEU A 272 0.54 10.83 10.02
N ARG A 273 1.00 11.04 8.79
CA ARG A 273 2.36 10.64 8.43
C ARG A 273 3.23 11.81 7.99
N TRP A 274 4.50 11.71 8.34
CA TRP A 274 5.51 12.67 7.92
C TRP A 274 6.75 11.92 7.45
N GLU A 275 7.37 12.42 6.37
CA GLU A 275 8.61 11.83 5.91
C GLU A 275 9.45 12.86 5.15
N LYS A 276 10.75 12.75 5.28
CA LYS A 276 11.67 13.68 4.65
C LYS A 276 12.86 12.92 4.08
N ARG A 277 12.89 12.79 2.75
CA ARG A 277 13.97 12.08 2.08
C ARG A 277 14.46 12.92 0.90
N PRO A 278 15.68 12.62 0.40
CA PRO A 278 16.18 13.37 -0.75
C PRO A 278 15.60 12.91 -2.09
N TYR A 279 15.23 13.87 -2.93
CA TYR A 279 14.84 13.61 -4.31
C TYR A 279 15.70 14.44 -5.24
N ASP A 280 16.59 13.79 -5.99
CA ASP A 280 17.50 14.47 -6.91
C ASP A 280 18.30 15.58 -6.23
N GLY A 281 18.87 15.27 -5.06
CA GLY A 281 19.69 16.24 -4.36
C GLY A 281 19.35 16.37 -2.89
N ASP A 282 18.69 17.48 -2.53
CA ASP A 282 18.39 17.75 -1.13
C ASP A 282 16.95 17.36 -0.78
N ARG A 283 16.70 17.22 0.51
CA ARG A 283 15.48 16.62 1.03
C ARG A 283 14.25 17.54 0.98
N GLU A 284 13.14 16.99 0.49
CA GLU A 284 11.84 17.62 0.64
C GLU A 284 10.99 16.81 1.61
N HIS A 285 9.96 17.43 2.18
CA HIS A 285 9.15 16.78 3.20
C HIS A 285 7.73 16.48 2.72
N ASN A 286 7.20 15.33 3.16
CA ASN A 286 5.81 14.99 2.88
C ASN A 286 5.00 14.82 4.15
N LEU A 287 3.87 15.50 4.21
CA LEU A 287 2.97 15.40 5.35
C LEU A 287 1.58 15.08 4.83
N TYR A 288 1.01 13.96 5.27
CA TYR A 288 -0.29 13.55 4.77
C TYR A 288 -1.06 12.70 5.77
N VAL A 289 -2.35 12.52 5.49
CA VAL A 289 -3.23 11.73 6.34
C VAL A 289 -3.81 10.56 5.55
N GLU A 290 -3.78 9.39 6.17
CA GLU A 290 -4.40 8.19 5.62
C GLU A 290 -5.52 7.73 6.53
N PHE A 291 -6.54 7.09 5.95
CA PHE A 291 -7.57 6.46 6.76
C PHE A 291 -8.17 5.28 6.02
N ASP A 292 -8.84 4.42 6.77
CA ASP A 292 -9.54 3.27 6.20
C ASP A 292 -10.66 2.84 7.12
N MET A 293 -11.76 2.40 6.54
CA MET A 293 -12.89 1.90 7.32
C MET A 293 -13.46 0.66 6.67
N THR A 294 -13.77 -0.34 7.50
CA THR A 294 -14.43 -1.54 7.02
C THR A 294 -15.69 -1.79 7.82
N PHE A 295 -16.81 -1.96 7.13
CA PHE A 295 -18.07 -2.25 7.78
C PHE A 295 -18.65 -3.55 7.25
N ARG A 296 -19.48 -4.20 8.07
CA ARG A 296 -20.15 -5.42 7.66
C ARG A 296 -21.64 -5.29 7.92
N PHE A 297 -22.46 -5.74 6.98
CA PHE A 297 -23.86 -5.37 7.00
C PHE A 297 -24.77 -6.29 6.18
N ARG A 298 -25.88 -5.70 5.74
CA ARG A 298 -26.96 -6.37 5.03
C ARG A 298 -26.55 -6.81 3.63
#